data_2RCF
#
_entry.id   2RCF
#
_cell.length_a   61.933
_cell.length_b   86.780
_cell.length_c   35.214
_cell.angle_alpha   90.000
_cell.angle_beta   90.220
_cell.angle_gamma   90.000
#
_symmetry.space_group_name_H-M   'P 1 21 1'
#
loop_
_entity.id
_entity.type
_entity.pdbx_description
1 polymer 'Unidentified carboxysome polypeptide'
2 non-polymer 'CHLORIDE ION'
3 non-polymer GLYCEROL
4 water water
#
_entity_poly.entity_id   1
_entity_poly.type   'polypeptide(L)'
_entity_poly.pdbx_seq_one_letter_code
;MKIMQVEKTLVSTNRIADMGHKPLLVVWEKPGAPRQVAVDAIGCIPGDWVLCVGSSAAREAAGSKSYPSDLTIIGIIDQW
NGELEHHHHHH
;
_entity_poly.pdbx_strand_id   A,B,C,D,E
#
# COMPACT_ATOMS: atom_id res chain seq x y z
N MET A 1 -4.99 -1.16 10.21
CA MET A 1 -5.71 -2.47 10.18
C MET A 1 -7.20 -2.25 9.90
N LYS A 2 -7.85 -3.27 9.35
CA LYS A 2 -9.26 -3.21 8.97
C LYS A 2 -10.10 -4.06 9.91
N ILE A 3 -11.34 -3.63 10.14
CA ILE A 3 -12.34 -4.43 10.82
C ILE A 3 -13.19 -5.11 9.75
N MET A 4 -13.24 -6.43 9.77
CA MET A 4 -13.98 -7.18 8.77
C MET A 4 -14.72 -8.32 9.42
N GLN A 5 -15.68 -8.89 8.70
CA GLN A 5 -16.42 -10.04 9.17
C GLN A 5 -16.10 -11.23 8.29
N VAL A 6 -16.03 -12.40 8.91
CA VAL A 6 -15.80 -13.65 8.18
C VAL A 6 -17.11 -14.14 7.56
N GLU A 7 -17.13 -14.22 6.23
CA GLU A 7 -18.29 -14.71 5.52
C GLU A 7 -18.25 -16.24 5.42
N LYS A 8 -17.13 -16.76 4.93
CA LYS A 8 -16.99 -18.19 4.68
C LYS A 8 -15.53 -18.58 4.47
N THR A 9 -15.27 -19.88 4.52
CA THR A 9 -13.95 -20.42 4.21
C THR A 9 -13.78 -20.50 2.69
N LEU A 10 -12.60 -20.12 2.21
CA LEU A 10 -12.27 -20.26 0.79
C LEU A 10 -11.63 -21.64 0.59
N VAL A 11 -12.42 -22.59 0.10
CA VAL A 11 -11.93 -23.95 -0.16
C VAL A 11 -11.81 -24.27 -1.65
N SER A 12 -12.70 -23.70 -2.48
CA SER A 12 -12.76 -24.03 -3.92
C SER A 12 -11.61 -23.42 -4.72
N THR A 13 -10.40 -23.91 -4.47
CA THR A 13 -9.21 -23.35 -5.10
C THR A 13 -8.09 -24.38 -5.23
N ASN A 14 -7.21 -24.17 -6.21
CA ASN A 14 -5.90 -24.84 -6.21
C ASN A 14 -4.79 -23.83 -6.39
N ARG A 15 -3.91 -23.77 -5.40
CA ARG A 15 -3.01 -22.64 -5.23
C ARG A 15 -1.53 -23.01 -5.23
N ILE A 16 -0.70 -22.03 -4.88
CA ILE A 16 0.74 -22.16 -5.03
C ILE A 16 1.37 -22.86 -3.82
N ALA A 17 2.51 -23.50 -4.03
CA ALA A 17 3.18 -24.28 -2.98
C ALA A 17 3.71 -23.41 -1.86
N ASP A 18 4.06 -22.17 -2.20
CA ASP A 18 4.62 -21.24 -1.22
C ASP A 18 3.63 -20.94 -0.10
N MET A 19 2.38 -21.37 -0.26
CA MET A 19 1.39 -21.24 0.82
C MET A 19 1.05 -22.62 1.40
N GLY A 20 0.97 -22.67 2.73
CA GLY A 20 0.92 -23.95 3.44
C GLY A 20 -0.47 -24.51 3.69
N HIS A 21 -0.81 -24.67 4.97
CA HIS A 21 -2.08 -25.30 5.35
C HIS A 21 -2.95 -24.37 6.18
N LYS A 22 -2.47 -23.15 6.46
CA LYS A 22 -3.25 -22.20 7.23
C LYS A 22 -4.49 -21.84 6.41
N PRO A 23 -5.67 -21.75 7.06
CA PRO A 23 -6.91 -21.55 6.30
C PRO A 23 -7.05 -20.18 5.64
N LEU A 24 -7.71 -20.15 4.49
CA LEU A 24 -8.09 -18.91 3.81
C LEU A 24 -9.57 -18.66 4.04
N LEU A 25 -9.89 -17.43 4.45
CA LEU A 25 -11.27 -17.04 4.72
C LEU A 25 -11.67 -15.87 3.83
N VAL A 26 -12.91 -15.94 3.33
CA VAL A 26 -13.50 -14.82 2.62
C VAL A 26 -14.04 -13.81 3.64
N VAL A 27 -13.59 -12.57 3.53
CA VAL A 27 -13.95 -11.51 4.49
C VAL A 27 -14.42 -10.24 3.77
N TRP A 28 -15.22 -9.45 4.47
CA TRP A 28 -15.65 -8.15 3.99
C TRP A 28 -15.85 -7.20 5.16
N GLU A 29 -15.78 -5.89 4.89
CA GLU A 29 -15.99 -4.90 5.94
C GLU A 29 -17.44 -4.91 6.42
N LYS A 30 -18.36 -5.23 5.53
CA LYS A 30 -19.74 -5.58 5.89
C LYS A 30 -20.41 -6.33 4.74
N PRO A 31 -21.57 -6.98 5.00
CA PRO A 31 -22.31 -7.62 3.92
C PRO A 31 -22.56 -6.69 2.73
N GLY A 32 -22.23 -7.17 1.54
CA GLY A 32 -22.38 -6.38 0.31
C GLY A 32 -21.15 -5.60 -0.10
N ALA A 33 -20.25 -5.36 0.85
CA ALA A 33 -18.98 -4.72 0.54
C ALA A 33 -18.12 -5.68 -0.28
N PRO A 34 -17.14 -5.13 -1.05
CA PRO A 34 -16.27 -6.00 -1.84
C PRO A 34 -15.58 -7.07 -1.00
N ARG A 35 -15.57 -8.30 -1.52
CA ARG A 35 -14.96 -9.42 -0.80
C ARG A 35 -13.45 -9.40 -0.94
N GLN A 36 -12.78 -9.83 0.12
CA GLN A 36 -11.34 -10.07 0.09
C GLN A 36 -11.11 -11.45 0.69
N VAL A 37 -9.86 -11.92 0.64
CA VAL A 37 -9.48 -13.22 1.20
C VAL A 37 -8.28 -13.02 2.12
N ALA A 38 -8.39 -13.53 3.34
CA ALA A 38 -7.37 -13.35 4.37
C ALA A 38 -6.92 -14.70 4.89
N VAL A 39 -5.64 -14.81 5.24
CA VAL A 39 -5.17 -16.00 5.93
C VAL A 39 -5.55 -15.89 7.41
N ASP A 40 -6.13 -16.97 7.92
CA ASP A 40 -6.63 -17.04 9.29
C ASP A 40 -5.48 -17.47 10.19
N ALA A 41 -4.91 -16.52 10.93
CA ALA A 41 -3.82 -16.79 11.87
C ALA A 41 -4.34 -16.99 13.31
N ILE A 42 -5.66 -16.95 13.50
CA ILE A 42 -6.26 -17.05 14.84
C ILE A 42 -7.10 -18.30 15.06
N GLY A 43 -8.02 -18.58 14.13
CA GLY A 43 -8.97 -19.68 14.26
C GLY A 43 -10.37 -19.12 14.37
N CYS A 44 -10.91 -18.70 13.24
CA CYS A 44 -12.19 -17.98 13.18
C CYS A 44 -13.27 -18.83 12.55
N ILE A 45 -14.52 -18.43 12.78
CA ILE A 45 -15.67 -19.07 12.17
C ILE A 45 -16.52 -18.01 11.47
N PRO A 46 -17.39 -18.43 10.52
CA PRO A 46 -18.31 -17.49 9.88
C PRO A 46 -19.10 -16.64 10.87
N GLY A 47 -19.14 -15.34 10.62
CA GLY A 47 -19.83 -14.39 11.49
C GLY A 47 -18.92 -13.66 12.47
N ASP A 48 -17.69 -14.16 12.65
CA ASP A 48 -16.72 -13.51 13.52
C ASP A 48 -16.27 -12.17 12.96
N TRP A 49 -16.19 -11.18 13.83
CA TRP A 49 -15.58 -9.90 13.49
C TRP A 49 -14.10 -9.98 13.84
N VAL A 50 -13.27 -9.64 12.85
CA VAL A 50 -11.85 -9.92 12.92
C VAL A 50 -11.02 -8.71 12.54
N LEU A 51 -9.83 -8.63 13.15
CA LEU A 51 -8.87 -7.57 12.87
C LEU A 51 -7.92 -8.06 11.79
N CYS A 52 -7.83 -7.31 10.69
CA CYS A 52 -7.02 -7.72 9.53
C CYS A 52 -5.88 -6.75 9.25
N VAL A 53 -4.69 -7.31 9.06
CA VAL A 53 -3.51 -6.52 8.72
C VAL A 53 -3.10 -6.83 7.29
N GLY A 54 -2.69 -5.79 6.57
CA GLY A 54 -2.18 -5.92 5.21
C GLY A 54 -0.70 -5.58 5.13
N SER A 55 -0.27 -5.13 3.95
CA SER A 55 1.11 -4.69 3.73
C SER A 55 2.11 -5.81 4.08
N SER A 56 3.32 -5.43 4.47
CA SER A 56 4.35 -6.42 4.82
C SER A 56 4.04 -7.19 6.12
N ALA A 57 3.36 -6.52 7.05
CA ALA A 57 3.00 -7.15 8.32
C ALA A 57 2.20 -8.44 8.13
N ALA A 58 1.36 -8.48 7.09
CA ALA A 58 0.55 -9.66 6.76
C ALA A 58 1.33 -10.95 6.56
N ARG A 59 2.56 -10.85 6.09
CA ARG A 59 3.37 -12.04 5.78
C ARG A 59 3.83 -12.74 7.05
N GLU A 60 4.57 -12.02 7.89
CA GLU A 60 5.06 -12.58 9.15
C GLU A 60 3.92 -12.93 10.10
N ALA A 61 2.81 -12.19 10.01
CA ALA A 61 1.58 -12.50 10.78
C ALA A 61 1.01 -13.86 10.37
N ALA A 62 1.15 -14.21 9.09
CA ALA A 62 0.73 -15.51 8.58
C ALA A 62 1.70 -16.64 8.94
N GLY A 63 2.85 -16.28 9.53
CA GLY A 63 3.79 -17.28 10.08
C GLY A 63 5.21 -17.23 9.54
N SER A 64 5.46 -16.41 8.52
CA SER A 64 6.79 -16.31 7.93
C SER A 64 6.93 -15.02 7.13
N LYS A 65 8.12 -14.43 7.15
CA LYS A 65 8.41 -13.27 6.30
C LYS A 65 8.33 -13.62 4.81
N SER A 66 8.37 -14.92 4.50
CA SER A 66 8.25 -15.41 3.13
C SER A 66 6.83 -15.86 2.73
N TYR A 67 5.86 -15.72 3.64
CA TYR A 67 4.50 -16.21 3.36
C TYR A 67 3.78 -15.29 2.36
N PRO A 68 3.14 -15.88 1.33
CA PRO A 68 2.40 -15.09 0.33
C PRO A 68 1.03 -14.62 0.82
N SER A 69 1.03 -13.63 1.68
CA SER A 69 -0.21 -13.00 2.13
C SER A 69 -0.06 -11.48 2.18
N ASP A 70 -1.09 -10.77 1.71
CA ASP A 70 -1.19 -9.32 1.92
C ASP A 70 -2.41 -8.97 2.77
N LEU A 71 -3.04 -10.00 3.35
CA LEU A 71 -4.16 -9.80 4.26
C LEU A 71 -4.25 -10.98 5.22
N THR A 72 -4.03 -10.71 6.50
CA THR A 72 -4.00 -11.73 7.52
C THR A 72 -4.81 -11.32 8.74
N ILE A 73 -5.66 -12.22 9.20
CA ILE A 73 -6.42 -12.04 10.43
C ILE A 73 -5.49 -12.27 11.62
N ILE A 74 -5.30 -11.23 12.42
CA ILE A 74 -4.40 -11.28 13.58
C ILE A 74 -5.13 -11.17 14.92
N GLY A 75 -6.44 -11.00 14.87
CA GLY A 75 -7.26 -11.00 16.09
C GLY A 75 -8.74 -11.16 15.81
N ILE A 76 -9.45 -11.71 16.79
CA ILE A 76 -10.91 -11.72 16.81
C ILE A 76 -11.36 -10.57 17.70
N ILE A 77 -12.26 -9.75 17.17
CA ILE A 77 -12.76 -8.59 17.88
C ILE A 77 -13.90 -8.99 18.82
N ASP A 78 -13.78 -8.58 20.09
CA ASP A 78 -14.85 -8.75 21.05
C ASP A 78 -15.80 -7.56 20.95
N GLN A 79 -16.93 -7.78 20.28
CA GLN A 79 -17.92 -6.74 20.04
C GLN A 79 -18.41 -6.09 21.32
N TRP A 80 -18.64 -6.93 22.34
CA TRP A 80 -19.33 -6.52 23.57
C TRP A 80 -18.44 -6.45 24.81
N ASN A 81 -17.31 -7.15 24.81
CA ASN A 81 -16.37 -7.10 25.94
C ASN A 81 -15.70 -5.74 26.00
N GLY A 82 -15.72 -5.12 27.18
CA GLY A 82 -15.18 -3.77 27.38
C GLY A 82 -14.35 -3.66 28.64
N MET B 1 1.18 9.99 5.45
CA MET B 1 0.52 9.79 6.77
C MET B 1 -0.89 10.38 6.77
N LYS B 2 -1.74 9.86 7.65
CA LYS B 2 -3.14 10.28 7.72
C LYS B 2 -3.43 11.01 9.02
N ILE B 3 -4.31 12.01 8.95
CA ILE B 3 -4.85 12.68 10.11
C ILE B 3 -6.18 11.99 10.46
N MET B 4 -6.27 11.43 11.66
CA MET B 4 -7.45 10.69 12.10
C MET B 4 -7.82 11.06 13.53
N GLN B 5 -9.07 10.77 13.90
CA GLN B 5 -9.51 10.97 15.26
C GLN B 5 -9.76 9.64 15.93
N VAL B 6 -9.36 9.53 17.19
CA VAL B 6 -9.61 8.35 17.99
C VAL B 6 -11.07 8.32 18.42
N GLU B 7 -11.77 7.24 18.11
CA GLU B 7 -13.15 7.06 18.53
C GLU B 7 -13.21 6.32 19.86
N LYS B 8 -12.55 5.16 19.91
CA LYS B 8 -12.62 4.28 21.07
C LYS B 8 -11.51 3.24 21.06
N THR B 9 -11.39 2.50 22.16
CA THR B 9 -10.47 1.37 22.25
C THR B 9 -11.06 0.17 21.51
N LEU B 10 -10.19 -0.55 20.81
CA LEU B 10 -10.55 -1.80 20.16
C LEU B 10 -10.11 -2.94 21.06
N VAL B 11 -11.07 -3.77 21.48
CA VAL B 11 -10.77 -4.93 22.32
C VAL B 11 -10.67 -6.20 21.48
N SER B 12 -9.49 -6.81 21.49
CA SER B 12 -9.28 -8.13 20.89
C SER B 12 -8.45 -9.00 21.84
N THR B 13 -9.14 -9.72 22.72
CA THR B 13 -8.44 -10.57 23.69
C THR B 13 -7.71 -11.72 22.99
N ASN B 14 -8.36 -12.33 22.01
CA ASN B 14 -7.75 -13.39 21.22
C ASN B 14 -7.08 -12.78 19.99
N ARG B 15 -5.82 -12.39 20.16
CA ARG B 15 -5.00 -11.87 19.06
C ARG B 15 -3.65 -12.57 19.09
N ILE B 16 -2.91 -12.53 17.98
CA ILE B 16 -1.62 -13.23 17.92
C ILE B 16 -0.64 -12.66 18.95
N ALA B 17 0.26 -13.51 19.42
CA ALA B 17 1.16 -13.17 20.53
C ALA B 17 2.15 -12.05 20.18
N ASP B 18 2.48 -11.90 18.90
CA ASP B 18 3.43 -10.87 18.45
C ASP B 18 2.97 -9.43 18.70
N MET B 19 1.67 -9.25 18.97
CA MET B 19 1.13 -7.92 19.25
C MET B 19 1.54 -7.38 20.62
N GLY B 20 2.01 -8.25 21.50
CA GLY B 20 2.43 -7.86 22.84
C GLY B 20 1.29 -7.22 23.61
N HIS B 21 1.59 -6.12 24.30
CA HIS B 21 0.61 -5.41 25.13
C HIS B 21 0.19 -4.05 24.55
N LYS B 22 0.54 -3.79 23.30
CA LYS B 22 0.22 -2.50 22.68
C LYS B 22 -1.29 -2.26 22.66
N PRO B 23 -1.75 -1.05 23.03
CA PRO B 23 -3.18 -0.76 22.90
C PRO B 23 -3.58 -0.55 21.44
N LEU B 24 -4.78 -1.01 21.09
CA LEU B 24 -5.34 -0.78 19.75
C LEU B 24 -6.50 0.20 19.86
N LEU B 25 -6.56 1.13 18.92
CA LEU B 25 -7.58 2.17 18.93
C LEU B 25 -8.34 2.19 17.62
N VAL B 26 -9.65 2.40 17.71
CA VAL B 26 -10.47 2.60 16.53
C VAL B 26 -10.32 4.06 16.14
N VAL B 27 -9.90 4.27 14.89
CA VAL B 27 -9.69 5.60 14.34
C VAL B 27 -10.41 5.78 13.01
N TRP B 28 -10.74 7.03 12.70
CA TRP B 28 -11.34 7.41 11.42
C TRP B 28 -10.89 8.82 11.05
N GLU B 29 -10.94 9.13 9.75
CA GLU B 29 -10.49 10.44 9.27
C GLU B 29 -11.43 11.53 9.75
N LYS B 30 -12.69 11.16 9.97
CA LYS B 30 -13.65 11.98 10.71
C LYS B 30 -14.82 11.08 11.10
N PRO B 31 -15.67 11.56 12.03
CA PRO B 31 -16.83 10.73 12.38
C PRO B 31 -17.70 10.41 11.16
N GLY B 32 -18.07 9.14 11.03
CA GLY B 32 -18.85 8.66 9.90
C GLY B 32 -18.04 8.01 8.79
N ALA B 33 -16.75 8.32 8.74
CA ALA B 33 -15.85 7.72 7.74
C ALA B 33 -15.54 6.28 8.13
N PRO B 34 -15.06 5.47 7.16
CA PRO B 34 -14.71 4.09 7.47
C PRO B 34 -13.79 3.99 8.69
N ARG B 35 -14.15 3.09 9.61
CA ARG B 35 -13.32 2.83 10.79
C ARG B 35 -12.09 2.04 10.38
N GLN B 36 -10.96 2.37 10.99
CA GLN B 36 -9.76 1.54 10.91
C GLN B 36 -9.26 1.30 12.33
N VAL B 37 -8.26 0.42 12.47
CA VAL B 37 -7.61 0.18 13.75
C VAL B 37 -6.10 0.42 13.66
N ALA B 38 -5.57 1.13 14.66
CA ALA B 38 -4.15 1.47 14.74
C ALA B 38 -3.61 1.07 16.09
N VAL B 39 -2.35 0.66 16.14
CA VAL B 39 -1.68 0.51 17.42
C VAL B 39 -1.31 1.90 17.93
N ASP B 40 -1.54 2.11 19.22
CA ASP B 40 -1.24 3.38 19.89
C ASP B 40 0.19 3.34 20.44
N ALA B 41 1.09 4.11 19.82
CA ALA B 41 2.49 4.16 20.23
C ALA B 41 2.83 5.45 20.97
N ILE B 42 1.80 6.22 21.34
CA ILE B 42 1.98 7.50 22.03
C ILE B 42 1.30 7.52 23.39
N GLY B 43 0.03 7.11 23.41
CA GLY B 43 -0.80 7.15 24.61
C GLY B 43 -1.91 8.16 24.37
N CYS B 44 -2.98 7.71 23.72
CA CYS B 44 -4.05 8.59 23.25
C CYS B 44 -5.36 8.27 23.94
N ILE B 45 -6.28 9.23 23.89
CA ILE B 45 -7.63 9.07 24.43
C ILE B 45 -8.65 9.40 23.35
N PRO B 46 -9.90 8.89 23.49
CA PRO B 46 -10.98 9.26 22.58
C PRO B 46 -11.13 10.77 22.39
N GLY B 47 -11.25 11.19 21.12
CA GLY B 47 -11.35 12.60 20.78
C GLY B 47 -10.04 13.21 20.29
N ASP B 48 -8.91 12.56 20.63
CA ASP B 48 -7.59 13.01 20.17
C ASP B 48 -7.48 12.90 18.65
N TRP B 49 -6.94 13.95 18.04
CA TRP B 49 -6.52 13.90 16.64
C TRP B 49 -5.09 13.40 16.60
N VAL B 50 -4.87 12.39 15.76
CA VAL B 50 -3.62 11.65 15.76
C VAL B 50 -3.04 11.49 14.35
N LEU B 51 -1.71 11.42 14.29
CA LEU B 51 -0.97 11.21 13.06
C LEU B 51 -0.71 9.71 12.91
N CYS B 52 -1.18 9.14 11.80
CA CYS B 52 -1.09 7.69 11.59
C CYS B 52 -0.22 7.37 10.39
N VAL B 53 0.69 6.42 10.59
CA VAL B 53 1.56 5.93 9.51
C VAL B 53 1.19 4.49 9.17
N GLY B 54 1.25 4.16 7.88
CA GLY B 54 0.95 2.81 7.40
C GLY B 54 2.18 2.17 6.78
N SER B 55 1.94 1.22 5.89
CA SER B 55 3.00 0.53 5.16
C SER B 55 4.00 -0.12 6.13
N SER B 56 5.26 -0.30 5.70
CA SER B 56 6.25 -0.99 6.53
C SER B 56 6.67 -0.14 7.75
N ALA B 57 6.59 1.18 7.61
CA ALA B 57 6.93 2.11 8.69
C ALA B 57 6.07 1.92 9.94
N ALA B 58 4.84 1.42 9.76
CA ALA B 58 3.93 1.15 10.89
C ALA B 58 4.47 0.12 11.87
N ARG B 59 5.26 -0.82 11.35
CA ARG B 59 5.78 -1.92 12.14
C ARG B 59 6.80 -1.42 13.16
N GLU B 60 7.89 -0.84 12.68
CA GLU B 60 8.95 -0.33 13.54
C GLU B 60 8.43 0.79 14.45
N ALA B 61 7.51 1.60 13.96
CA ALA B 61 6.85 2.64 14.78
C ALA B 61 6.07 2.04 15.96
N ALA B 62 5.51 0.85 15.76
CA ALA B 62 4.83 0.11 16.82
C ALA B 62 5.81 -0.64 17.75
N GLY B 63 7.09 -0.63 17.39
CA GLY B 63 8.15 -1.08 18.30
C GLY B 63 9.08 -2.17 17.78
N SER B 64 8.90 -2.60 16.53
CA SER B 64 9.72 -3.66 15.98
C SER B 64 9.51 -3.80 14.49
N LYS B 65 10.59 -4.05 13.75
CA LYS B 65 10.47 -4.36 12.32
C LYS B 65 9.62 -5.62 12.09
N SER B 66 9.49 -6.46 13.11
CA SER B 66 8.66 -7.67 13.03
C SER B 66 7.25 -7.52 13.59
N TYR B 67 6.86 -6.32 14.02
CA TYR B 67 5.54 -6.12 14.64
C TYR B 67 4.41 -6.19 13.61
N PRO B 68 3.32 -6.93 13.93
CA PRO B 68 2.18 -7.03 13.01
C PRO B 68 1.26 -5.79 13.02
N SER B 69 1.71 -4.73 12.35
CA SER B 69 0.90 -3.51 12.22
C SER B 69 1.07 -2.94 10.82
N ASP B 70 -0.04 -2.49 10.22
CA ASP B 70 0.01 -1.66 9.00
C ASP B 70 -0.57 -0.28 9.25
N LEU B 71 -0.80 0.08 10.52
CA LEU B 71 -1.30 1.39 10.88
C LEU B 71 -0.94 1.71 12.32
N THR B 72 -0.07 2.69 12.51
CA THR B 72 0.39 3.03 13.85
C THR B 72 0.31 4.53 14.09
N ILE B 73 -0.25 4.89 15.25
CA ILE B 73 -0.29 6.26 15.72
C ILE B 73 1.10 6.65 16.18
N ILE B 74 1.67 7.66 15.55
CA ILE B 74 3.04 8.08 15.84
C ILE B 74 3.10 9.51 16.38
N GLY B 75 1.93 10.14 16.54
CA GLY B 75 1.88 11.47 17.14
C GLY B 75 0.47 11.92 17.43
N ILE B 76 0.35 12.83 18.40
CA ILE B 76 -0.88 13.54 18.65
C ILE B 76 -0.79 14.92 18.01
N ILE B 77 -1.81 15.29 17.26
CA ILE B 77 -1.84 16.57 16.55
C ILE B 77 -2.40 17.67 17.44
N ASP B 78 -1.59 18.71 17.64
CA ASP B 78 -2.03 19.93 18.31
C ASP B 78 -2.77 20.78 17.27
N GLN B 79 -4.10 20.66 17.25
CA GLN B 79 -4.92 21.25 16.18
C GLN B 79 -5.03 22.78 16.29
N TRP B 80 -4.85 23.29 17.51
CA TRP B 80 -4.83 24.74 17.76
C TRP B 80 -3.38 25.15 18.02
N ASN B 81 -2.58 25.16 16.95
CA ASN B 81 -1.12 25.28 17.02
C ASN B 81 -0.65 26.28 18.09
N MET C 1 4.12 7.87 -7.44
CA MET C 1 4.30 9.15 -6.68
C MET C 1 3.14 10.10 -6.99
N LYS C 2 2.87 11.01 -6.06
CA LYS C 2 1.76 11.95 -6.18
C LYS C 2 2.25 13.38 -6.33
N ILE C 3 1.49 14.17 -7.09
CA ILE C 3 1.69 15.60 -7.16
C ILE C 3 0.74 16.20 -6.15
N MET C 4 1.26 17.02 -5.26
CA MET C 4 0.43 17.60 -4.21
C MET C 4 0.84 19.03 -3.93
N GLN C 5 -0.07 19.78 -3.31
CA GLN C 5 0.23 21.13 -2.88
C GLN C 5 0.39 21.14 -1.37
N VAL C 6 1.36 21.90 -0.90
CA VAL C 6 1.56 22.10 0.53
C VAL C 6 0.55 23.13 1.05
N GLU C 7 -0.26 22.73 2.02
CA GLU C 7 -1.24 23.62 2.62
C GLU C 7 -0.62 24.38 3.81
N LYS C 8 -0.06 23.64 4.76
CA LYS C 8 0.46 24.22 5.99
C LYS C 8 1.37 23.26 6.73
N THR C 9 2.05 23.77 7.76
CA THR C 9 2.87 22.93 8.63
C THR C 9 1.97 22.16 9.61
N LEU C 10 2.32 20.90 9.85
CA LEU C 10 1.63 20.05 10.80
C LEU C 10 2.39 20.11 12.13
N VAL C 11 1.74 20.66 13.15
CA VAL C 11 2.34 20.74 14.49
C VAL C 11 1.95 19.53 15.34
N SER C 12 2.95 18.69 15.63
CA SER C 12 2.75 17.52 16.49
C SER C 12 3.87 17.46 17.53
N THR C 13 3.67 18.15 18.64
CA THR C 13 4.68 18.24 19.69
C THR C 13 4.92 16.88 20.38
N ASN C 14 3.85 16.12 20.59
CA ASN C 14 3.96 14.77 21.16
C ASN C 14 3.95 13.73 20.04
N ARG C 15 5.14 13.44 19.51
CA ARG C 15 5.33 12.44 18.46
C ARG C 15 6.51 11.56 18.83
N ILE C 16 6.56 10.35 18.26
CA ILE C 16 7.64 9.41 18.60
C ILE C 16 9.01 9.99 18.26
N ALA C 17 10.01 9.63 19.06
CA ALA C 17 11.35 10.21 18.95
C ALA C 17 12.04 9.89 17.62
N ASP C 18 11.74 8.73 17.04
CA ASP C 18 12.31 8.32 15.75
C ASP C 18 12.08 9.32 14.59
N MET C 19 11.16 10.26 14.79
CA MET C 19 10.86 11.27 13.78
C MET C 19 11.94 12.34 13.68
N GLY C 20 12.77 12.47 14.71
CA GLY C 20 13.83 13.47 14.74
C GLY C 20 13.24 14.86 14.70
N HIS C 21 13.90 15.76 13.97
CA HIS C 21 13.45 17.15 13.82
C HIS C 21 12.91 17.46 12.42
N LYS C 22 12.60 16.43 11.63
CA LYS C 22 12.10 16.63 10.27
C LYS C 22 10.76 17.38 10.30
N PRO C 23 10.60 18.42 9.44
CA PRO C 23 9.31 19.09 9.35
C PRO C 23 8.22 18.21 8.74
N LEU C 24 7.02 18.29 9.29
CA LEU C 24 5.86 17.62 8.72
C LEU C 24 4.96 18.68 8.11
N LEU C 25 4.43 18.40 6.93
CA LEU C 25 3.61 19.34 6.19
C LEU C 25 2.29 18.70 5.79
N VAL C 26 1.22 19.48 5.91
CA VAL C 26 -0.09 19.05 5.44
C VAL C 26 -0.12 19.23 3.92
N VAL C 27 -0.52 18.19 3.22
CA VAL C 27 -0.52 18.19 1.76
C VAL C 27 -1.85 17.63 1.22
N TRP C 28 -2.23 18.09 0.03
CA TRP C 28 -3.40 17.56 -0.66
C TRP C 28 -3.18 17.63 -2.18
N GLU C 29 -3.88 16.76 -2.91
CA GLU C 29 -3.76 16.73 -4.37
C GLU C 29 -4.28 18.02 -4.98
N LYS C 30 -5.31 18.59 -4.36
CA LYS C 30 -5.79 19.93 -4.69
C LYS C 30 -6.53 20.48 -3.49
N PRO C 31 -6.74 21.82 -3.44
CA PRO C 31 -7.56 22.37 -2.37
C PRO C 31 -8.92 21.68 -2.29
N GLY C 32 -9.31 21.24 -1.09
CA GLY C 32 -10.58 20.54 -0.89
C GLY C 32 -10.48 19.04 -0.89
N ALA C 33 -9.40 18.49 -1.45
CA ALA C 33 -9.15 17.06 -1.46
C ALA C 33 -8.76 16.59 -0.05
N PRO C 34 -8.87 15.28 0.22
CA PRO C 34 -8.50 14.77 1.54
C PRO C 34 -7.07 15.15 1.94
N ARG C 35 -6.90 15.63 3.16
CA ARG C 35 -5.59 16.05 3.66
C ARG C 35 -4.75 14.83 4.03
N GLN C 36 -3.47 14.87 3.67
CA GLN C 36 -2.48 13.90 4.15
C GLN C 36 -1.32 14.69 4.78
N VAL C 37 -0.40 13.97 5.44
CA VAL C 37 0.79 14.58 6.02
C VAL C 37 2.06 13.88 5.50
N ALA C 38 3.01 14.69 5.03
CA ALA C 38 4.27 14.19 4.47
C ALA C 38 5.45 14.76 5.25
N VAL C 39 6.54 14.00 5.34
CA VAL C 39 7.79 14.57 5.86
C VAL C 39 8.51 15.31 4.75
N ASP C 40 8.95 16.51 5.09
CA ASP C 40 9.60 17.40 4.13
C ASP C 40 11.10 17.13 4.08
N ALA C 41 11.56 16.52 2.99
CA ALA C 41 12.97 16.21 2.82
C ALA C 41 13.69 17.22 1.92
N ILE C 42 12.96 18.22 1.41
CA ILE C 42 13.49 19.19 0.46
C ILE C 42 13.63 20.58 1.08
N GLY C 43 12.60 21.00 1.81
CA GLY C 43 12.52 22.34 2.37
C GLY C 43 11.47 23.11 1.60
N CYS C 44 10.21 22.98 2.03
CA CYS C 44 9.08 23.52 1.31
C CYS C 44 8.33 24.58 2.11
N ILE C 45 7.60 25.41 1.39
CA ILE C 45 6.72 26.41 1.98
C ILE C 45 5.31 26.21 1.44
N PRO C 46 4.29 26.70 2.17
CA PRO C 46 2.92 26.65 1.69
C PRO C 46 2.75 27.24 0.29
N GLY C 47 1.99 26.54 -0.55
CA GLY C 47 1.80 26.95 -1.94
C GLY C 47 2.65 26.17 -2.92
N ASP C 48 3.77 25.60 -2.45
CA ASP C 48 4.61 24.75 -3.29
C ASP C 48 3.83 23.54 -3.79
N TRP C 49 4.01 23.21 -5.06
CA TRP C 49 3.59 21.90 -5.58
C TRP C 49 4.77 20.94 -5.44
N VAL C 50 4.52 19.79 -4.85
CA VAL C 50 5.58 18.88 -4.46
C VAL C 50 5.35 17.47 -4.97
N LEU C 51 6.44 16.75 -5.17
CA LEU C 51 6.40 15.35 -5.55
C LEU C 51 6.55 14.52 -4.28
N CYS C 52 5.57 13.65 -4.01
CA CYS C 52 5.54 12.84 -2.80
C CYS C 52 5.63 11.36 -3.13
N VAL C 53 6.44 10.64 -2.36
CA VAL C 53 6.57 9.19 -2.50
C VAL C 53 6.05 8.50 -1.23
N GLY C 54 5.39 7.37 -1.41
CA GLY C 54 4.86 6.58 -0.30
C GLY C 54 5.53 5.22 -0.19
N SER C 55 4.81 4.26 0.37
CA SER C 55 5.28 2.90 0.52
C SER C 55 6.62 2.86 1.28
N SER C 56 7.46 1.87 1.02
CA SER C 56 8.74 1.72 1.73
C SER C 56 9.76 2.79 1.34
N ALA C 57 9.66 3.32 0.12
CA ALA C 57 10.58 4.36 -0.38
C ALA C 57 10.53 5.64 0.43
N ALA C 58 9.39 5.96 1.03
CA ALA C 58 9.22 7.15 1.87
C ALA C 58 10.17 7.20 3.06
N ARG C 59 10.57 6.02 3.54
CA ARG C 59 11.39 5.93 4.75
C ARG C 59 12.81 6.41 4.47
N GLU C 60 13.48 5.72 3.56
CA GLU C 60 14.85 6.10 3.18
C GLU C 60 14.87 7.47 2.52
N ALA C 61 13.79 7.81 1.82
CA ALA C 61 13.62 9.16 1.27
C ALA C 61 13.65 10.21 2.37
N ALA C 62 13.12 9.88 3.54
CA ALA C 62 13.08 10.79 4.69
C ALA C 62 14.39 10.82 5.49
N GLY C 63 15.34 9.94 5.14
CA GLY C 63 16.67 9.97 5.73
C GLY C 63 17.18 8.65 6.26
N SER C 64 16.29 7.67 6.43
CA SER C 64 16.69 6.38 6.99
C SER C 64 15.69 5.28 6.65
N LYS C 65 16.20 4.08 6.36
CA LYS C 65 15.35 2.89 6.20
C LYS C 65 14.50 2.60 7.45
N SER C 66 14.90 3.14 8.60
CA SER C 66 14.15 3.01 9.85
C SER C 66 13.21 4.18 10.15
N TYR C 67 13.16 5.19 9.28
CA TYR C 67 12.36 6.37 9.55
C TYR C 67 10.85 6.11 9.44
N PRO C 68 10.07 6.54 10.45
CA PRO C 68 8.63 6.32 10.42
C PRO C 68 7.88 7.26 9.47
N SER C 69 7.91 6.94 8.19
CA SER C 69 7.21 7.72 7.18
C SER C 69 6.66 6.80 6.09
N ASP C 70 5.42 7.08 5.68
CA ASP C 70 4.83 6.44 4.50
C ASP C 70 4.46 7.48 3.45
N LEU C 71 4.86 8.73 3.67
CA LEU C 71 4.67 9.80 2.69
C LEU C 71 5.77 10.84 2.88
N THR C 72 6.64 10.97 1.87
CA THR C 72 7.77 11.88 1.97
C THR C 72 7.88 12.77 0.74
N ILE C 73 8.10 14.07 0.97
CA ILE C 73 8.33 15.03 -0.11
C ILE C 73 9.77 14.90 -0.59
N ILE C 74 9.93 14.54 -1.86
CA ILE C 74 11.24 14.26 -2.43
C ILE C 74 11.63 15.22 -3.56
N GLY C 75 10.74 16.15 -3.88
CA GLY C 75 11.00 17.13 -4.92
C GLY C 75 10.00 18.28 -4.93
N ILE C 76 10.44 19.43 -5.44
CA ILE C 76 9.55 20.55 -5.71
C ILE C 76 9.34 20.63 -7.21
N ILE C 77 8.07 20.73 -7.62
CA ILE C 77 7.71 20.70 -9.04
C ILE C 77 7.86 22.10 -9.63
N ASP C 78 8.61 22.19 -10.73
CA ASP C 78 9.11 23.47 -11.25
C ASP C 78 8.03 24.52 -11.48
N GLN C 79 7.14 24.29 -12.45
CA GLN C 79 6.03 25.22 -12.71
C GLN C 79 4.76 24.40 -12.85
N TRP C 80 3.94 24.36 -11.81
CA TRP C 80 2.77 23.51 -11.84
C TRP C 80 1.41 24.22 -11.89
N ASN C 81 0.59 23.76 -12.83
CA ASN C 81 -0.84 24.06 -12.87
C ASN C 81 -1.53 23.48 -11.64
N MET D 1 -0.16 -4.47 -10.83
CA MET D 1 0.39 -3.44 -11.76
C MET D 1 -0.77 -2.77 -12.49
N LYS D 2 -0.54 -1.54 -12.95
CA LYS D 2 -1.57 -0.76 -13.61
C LYS D 2 -1.16 -0.40 -15.02
N ILE D 3 -2.16 -0.28 -15.89
CA ILE D 3 -1.98 0.18 -17.26
C ILE D 3 -2.21 1.69 -17.22
N MET D 4 -1.27 2.45 -17.74
CA MET D 4 -1.34 3.91 -17.72
C MET D 4 -0.78 4.49 -19.00
N GLN D 5 -1.14 5.75 -19.28
CA GLN D 5 -0.61 6.47 -20.42
C GLN D 5 0.28 7.61 -19.96
N VAL D 6 1.41 7.78 -20.64
CA VAL D 6 2.31 8.90 -20.40
C VAL D 6 1.71 10.20 -20.97
N GLU D 7 1.58 11.22 -20.12
CA GLU D 7 1.12 12.53 -20.55
C GLU D 7 2.31 13.40 -20.94
N LYS D 8 3.28 13.50 -20.05
CA LYS D 8 4.42 14.41 -20.24
C LYS D 8 5.53 14.13 -19.24
N THR D 9 6.68 14.76 -19.46
CA THR D 9 7.80 14.68 -18.53
C THR D 9 7.52 15.58 -17.31
N LEU D 10 7.87 15.08 -16.14
CA LEU D 10 7.73 15.83 -14.90
C LEU D 10 9.08 16.51 -14.64
N VAL D 11 9.07 17.85 -14.64
CA VAL D 11 10.29 18.62 -14.39
C VAL D 11 10.36 19.05 -12.92
N SER D 12 11.35 18.50 -12.22
CA SER D 12 11.62 18.84 -10.83
C SER D 12 13.12 19.00 -10.68
N THR D 13 13.60 20.23 -10.80
CA THR D 13 15.02 20.54 -10.68
C THR D 13 15.48 20.34 -9.23
N ASN D 14 14.71 20.91 -8.30
CA ASN D 14 14.99 20.77 -6.87
C ASN D 14 14.37 19.48 -6.32
N ARG D 15 15.15 18.40 -6.35
CA ARG D 15 14.74 17.11 -5.82
C ARG D 15 15.90 16.46 -5.06
N ILE D 16 15.60 15.45 -4.25
CA ILE D 16 16.62 14.80 -3.42
C ILE D 16 17.66 14.09 -4.28
N ALA D 17 18.87 13.97 -3.75
CA ALA D 17 20.01 13.41 -4.49
C ALA D 17 19.81 11.94 -4.87
N ASP D 18 19.12 11.20 -4.00
CA ASP D 18 18.82 9.78 -4.21
C ASP D 18 18.09 9.46 -5.51
N MET D 19 17.43 10.46 -6.10
CA MET D 19 16.70 10.27 -7.35
C MET D 19 17.60 10.09 -8.59
N GLY D 20 18.88 10.45 -8.47
CA GLY D 20 19.81 10.33 -9.60
C GLY D 20 19.32 11.13 -10.81
N HIS D 21 19.50 10.57 -12.00
CA HIS D 21 19.10 11.25 -13.25
C HIS D 21 17.97 10.51 -13.97
N LYS D 22 17.25 9.64 -13.26
CA LYS D 22 16.20 8.84 -13.87
C LYS D 22 15.03 9.74 -14.27
N PRO D 23 14.49 9.56 -15.48
CA PRO D 23 13.38 10.41 -15.91
C PRO D 23 12.09 10.15 -15.13
N LEU D 24 11.36 11.22 -14.82
CA LEU D 24 10.07 11.14 -14.17
C LEU D 24 9.03 11.58 -15.17
N LEU D 25 7.95 10.79 -15.28
CA LEU D 25 6.89 11.06 -16.24
C LEU D 25 5.56 11.16 -15.51
N VAL D 26 4.73 12.10 -15.95
CA VAL D 26 3.36 12.21 -15.47
C VAL D 26 2.53 11.17 -16.21
N VAL D 27 1.78 10.38 -15.45
CA VAL D 27 1.00 9.28 -15.99
C VAL D 27 -0.43 9.29 -15.46
N TRP D 28 -1.34 8.66 -16.21
CA TRP D 28 -2.73 8.50 -15.78
C TRP D 28 -3.33 7.22 -16.38
N GLU D 29 -4.35 6.67 -15.72
CA GLU D 29 -5.01 5.46 -16.22
C GLU D 29 -5.74 5.77 -17.54
N LYS D 30 -6.21 7.00 -17.67
CA LYS D 30 -6.71 7.54 -18.94
C LYS D 30 -6.81 9.05 -18.82
N PRO D 31 -6.90 9.77 -19.94
CA PRO D 31 -7.06 11.22 -19.86
C PRO D 31 -8.20 11.63 -18.94
N GLY D 32 -7.95 12.60 -18.06
CA GLY D 32 -8.95 13.08 -17.11
C GLY D 32 -8.93 12.38 -15.76
N ALA D 33 -8.26 11.22 -15.68
CA ALA D 33 -8.10 10.51 -14.43
C ALA D 33 -6.99 11.19 -13.61
N PRO D 34 -6.95 10.93 -12.29
CA PRO D 34 -5.95 11.58 -11.43
C PRO D 34 -4.51 11.36 -11.90
N ARG D 35 -3.75 12.45 -11.96
CA ARG D 35 -2.36 12.37 -12.39
C ARG D 35 -1.47 11.79 -11.31
N GLN D 36 -0.52 10.96 -11.73
CA GLN D 36 0.52 10.43 -10.85
C GLN D 36 1.85 10.58 -11.56
N VAL D 37 2.94 10.29 -10.84
CA VAL D 37 4.29 10.37 -11.40
C VAL D 37 5.03 9.06 -11.23
N ALA D 38 5.67 8.59 -12.31
CA ALA D 38 6.42 7.34 -12.31
C ALA D 38 7.85 7.56 -12.78
N VAL D 39 8.79 6.81 -12.23
CA VAL D 39 10.13 6.77 -12.83
C VAL D 39 10.10 5.87 -14.06
N ASP D 40 10.72 6.35 -15.12
CA ASP D 40 10.75 5.64 -16.40
C ASP D 40 12.01 4.79 -16.48
N ALA D 41 11.82 3.48 -16.33
CA ALA D 41 12.93 2.52 -16.40
C ALA D 41 13.05 1.87 -17.79
N ILE D 42 12.24 2.34 -18.74
CA ILE D 42 12.13 1.73 -20.08
C ILE D 42 12.60 2.65 -21.20
N GLY D 43 12.13 3.89 -21.17
CA GLY D 43 12.39 4.84 -22.25
C GLY D 43 11.09 5.09 -23.00
N CYS D 44 10.26 5.96 -22.43
CA CYS D 44 8.94 6.24 -22.96
C CYS D 44 8.81 7.68 -23.47
N ILE D 45 7.80 7.90 -24.32
CA ILE D 45 7.46 9.23 -24.79
C ILE D 45 5.96 9.46 -24.51
N PRO D 46 5.52 10.73 -24.53
CA PRO D 46 4.09 11.01 -24.37
C PRO D 46 3.23 10.23 -25.37
N GLY D 47 2.10 9.69 -24.88
CA GLY D 47 1.22 8.88 -25.71
C GLY D 47 1.37 7.39 -25.48
N ASP D 48 2.55 6.95 -25.08
CA ASP D 48 2.79 5.54 -24.77
C ASP D 48 1.85 5.02 -23.69
N TRP D 49 1.31 3.84 -23.94
CA TRP D 49 0.62 3.09 -22.89
C TRP D 49 1.66 2.20 -22.23
N VAL D 50 1.67 2.22 -20.90
CA VAL D 50 2.77 1.65 -20.14
C VAL D 50 2.28 0.79 -18.97
N LEU D 51 3.11 -0.16 -18.59
CA LEU D 51 2.87 -1.01 -17.42
C LEU D 51 3.68 -0.44 -16.27
N CYS D 52 3.01 -0.19 -15.15
CA CYS D 52 3.60 0.43 -13.96
C CYS D 52 3.46 -0.45 -12.73
N VAL D 53 4.54 -0.59 -11.96
CA VAL D 53 4.51 -1.34 -10.70
C VAL D 53 4.67 -0.39 -9.53
N GLY D 54 3.99 -0.70 -8.42
CA GLY D 54 4.06 0.10 -7.21
C GLY D 54 4.68 -0.69 -6.07
N SER D 55 4.42 -0.24 -4.84
CA SER D 55 4.89 -0.90 -3.63
C SER D 55 6.43 -0.96 -3.58
N SER D 56 6.98 -1.95 -2.89
CA SER D 56 8.44 -2.08 -2.77
C SER D 56 9.12 -2.50 -4.08
N ALA D 57 8.38 -3.16 -4.96
CA ALA D 57 8.91 -3.60 -6.26
C ALA D 57 9.35 -2.45 -7.15
N ALA D 58 8.72 -1.27 -6.98
CA ALA D 58 9.03 -0.07 -7.76
C ALA D 58 10.47 0.42 -7.63
N ARG D 59 11.05 0.17 -6.47
CA ARG D 59 12.37 0.67 -6.11
C ARG D 59 13.42 -0.08 -6.92
N GLU D 60 13.45 -1.40 -6.75
CA GLU D 60 14.42 -2.24 -7.46
C GLU D 60 14.14 -2.19 -8.97
N ALA D 61 12.87 -2.09 -9.34
CA ALA D 61 12.47 -1.89 -10.75
C ALA D 61 13.10 -0.63 -11.32
N ALA D 62 13.22 0.41 -10.50
CA ALA D 62 13.86 1.68 -10.90
C ALA D 62 15.38 1.57 -10.98
N GLY D 63 15.95 0.51 -10.41
CA GLY D 63 17.37 0.24 -10.51
C GLY D 63 18.08 -0.07 -9.19
N SER D 64 17.41 0.14 -8.07
CA SER D 64 18.03 -0.11 -6.76
C SER D 64 16.98 -0.32 -5.67
N LYS D 65 17.25 -1.26 -4.77
CA LYS D 65 16.40 -1.48 -3.59
C LYS D 65 16.29 -0.24 -2.71
N SER D 66 17.26 0.67 -2.81
CA SER D 66 17.21 1.91 -2.06
C SER D 66 16.65 3.10 -2.86
N TYR D 67 16.21 2.87 -4.10
CA TYR D 67 15.73 3.98 -4.93
C TYR D 67 14.37 4.51 -4.45
N PRO D 68 14.20 5.84 -4.34
CA PRO D 68 12.94 6.41 -3.88
C PRO D 68 11.85 6.44 -4.97
N SER D 69 11.21 5.30 -5.18
CA SER D 69 10.08 5.20 -6.09
C SER D 69 9.01 4.30 -5.50
N ASP D 70 7.75 4.71 -5.64
CA ASP D 70 6.61 3.84 -5.37
C ASP D 70 5.77 3.63 -6.65
N LEU D 71 6.31 4.04 -7.79
CA LEU D 71 5.64 3.82 -9.08
C LEU D 71 6.68 3.89 -10.19
N THR D 72 6.88 2.76 -10.85
CA THR D 72 7.89 2.66 -11.88
C THR D 72 7.34 2.01 -13.14
N ILE D 73 7.62 2.63 -14.28
CA ILE D 73 7.28 2.09 -15.58
C ILE D 73 8.26 0.96 -15.90
N ILE D 74 7.73 -0.25 -16.06
CA ILE D 74 8.55 -1.45 -16.29
C ILE D 74 8.31 -2.07 -17.67
N GLY D 75 7.39 -1.49 -18.44
CA GLY D 75 7.15 -1.96 -19.79
C GLY D 75 6.32 -1.00 -20.63
N ILE D 76 6.49 -1.09 -21.95
CA ILE D 76 5.61 -0.39 -22.89
C ILE D 76 4.64 -1.42 -23.46
N ILE D 77 3.35 -1.09 -23.41
CA ILE D 77 2.31 -2.00 -23.88
C ILE D 77 2.20 -1.84 -25.39
N ASP D 78 2.32 -2.96 -26.11
CA ASP D 78 2.40 -2.95 -27.58
C ASP D 78 1.19 -2.32 -28.26
N GLN D 79 0.02 -2.46 -27.65
CA GLN D 79 -1.21 -1.82 -28.14
C GLN D 79 -1.28 -0.37 -27.66
N TRP D 80 -1.16 0.58 -28.60
CA TRP D 80 -1.26 2.00 -28.29
C TRP D 80 -2.45 2.63 -29.00
N MET E 1 -5.82 -10.44 0.14
CA MET E 1 -5.93 -10.97 -1.25
C MET E 1 -7.32 -10.72 -1.84
N LYS E 2 -7.39 -10.76 -3.16
CA LYS E 2 -8.62 -10.48 -3.88
C LYS E 2 -8.89 -11.53 -4.95
N ILE E 3 -10.18 -11.84 -5.16
CA ILE E 3 -10.60 -12.68 -6.27
C ILE E 3 -10.81 -11.81 -7.50
N MET E 4 -10.25 -12.23 -8.62
CA MET E 4 -10.35 -11.46 -9.87
C MET E 4 -10.55 -12.43 -11.02
N GLN E 5 -10.91 -11.90 -12.19
CA GLN E 5 -11.05 -12.71 -13.40
C GLN E 5 -10.04 -12.29 -14.45
N VAL E 6 -9.50 -13.26 -15.16
CA VAL E 6 -8.56 -13.00 -16.25
C VAL E 6 -9.34 -12.59 -17.50
N GLU E 7 -9.05 -11.40 -18.00
CA GLU E 7 -9.63 -10.94 -19.26
C GLU E 7 -8.83 -11.46 -20.45
N LYS E 8 -7.53 -11.21 -20.42
CA LYS E 8 -6.65 -11.52 -21.54
C LYS E 8 -5.19 -11.46 -21.14
N THR E 9 -4.34 -11.94 -22.03
CA THR E 9 -2.89 -11.83 -21.89
C THR E 9 -2.47 -10.40 -22.21
N LEU E 10 -1.54 -9.87 -21.43
CA LEU E 10 -0.99 -8.54 -21.65
C LEU E 10 0.32 -8.69 -22.43
N VAL E 11 0.36 -8.14 -23.64
CA VAL E 11 1.56 -8.19 -24.48
C VAL E 11 2.42 -6.94 -24.32
N SER E 12 3.63 -7.12 -23.78
CA SER E 12 4.61 -6.05 -23.64
C SER E 12 6.00 -6.56 -24.04
N THR E 13 6.37 -6.33 -25.30
CA THR E 13 7.66 -6.81 -25.82
C THR E 13 8.83 -5.99 -25.27
N ASN E 14 8.66 -4.67 -25.22
CA ASN E 14 9.67 -3.78 -24.63
C ASN E 14 9.43 -3.67 -23.13
N ARG E 15 10.13 -4.50 -22.36
CA ARG E 15 10.03 -4.47 -20.91
C ARG E 15 11.36 -4.80 -20.25
N ILE E 16 11.51 -4.41 -18.99
CA ILE E 16 12.80 -4.58 -18.28
C ILE E 16 13.17 -6.06 -18.12
N ALA E 17 14.47 -6.33 -18.16
CA ALA E 17 15.01 -7.68 -18.08
C ALA E 17 14.62 -8.41 -16.80
N ASP E 18 14.48 -7.68 -15.70
CA ASP E 18 14.09 -8.24 -14.40
C ASP E 18 12.77 -9.00 -14.42
N MET E 19 11.90 -8.69 -15.40
CA MET E 19 10.62 -9.38 -15.52
C MET E 19 10.73 -10.81 -16.03
N GLY E 20 11.85 -11.14 -16.67
CA GLY E 20 12.06 -12.48 -17.20
C GLY E 20 10.99 -12.86 -18.20
N HIS E 21 10.60 -14.13 -18.21
CA HIS E 21 9.61 -14.62 -19.17
C HIS E 21 8.24 -14.92 -18.54
N LYS E 22 7.97 -14.36 -17.37
CA LYS E 22 6.73 -14.65 -16.65
C LYS E 22 5.56 -14.05 -17.43
N PRO E 23 4.47 -14.81 -17.62
CA PRO E 23 3.33 -14.27 -18.35
C PRO E 23 2.60 -13.21 -17.54
N LEU E 24 2.13 -12.16 -18.22
CA LEU E 24 1.39 -11.07 -17.58
C LEU E 24 -0.04 -11.13 -18.08
N LEU E 25 -0.99 -11.08 -17.15
CA LEU E 25 -2.40 -11.16 -17.51
C LEU E 25 -3.16 -9.93 -17.04
N VAL E 26 -4.02 -9.42 -17.92
CA VAL E 26 -4.98 -8.38 -17.54
C VAL E 26 -6.09 -9.03 -16.71
N VAL E 27 -6.32 -8.49 -15.52
CA VAL E 27 -7.32 -8.99 -14.59
C VAL E 27 -8.23 -7.86 -14.12
N TRP E 28 -9.45 -8.22 -13.72
CA TRP E 28 -10.42 -7.28 -13.14
C TRP E 28 -11.24 -7.96 -12.05
N GLU E 29 -11.76 -7.17 -11.12
CA GLU E 29 -12.65 -7.68 -10.08
C GLU E 29 -13.86 -8.35 -10.72
N LYS E 30 -14.36 -7.73 -11.79
CA LYS E 30 -15.39 -8.29 -12.64
C LYS E 30 -15.42 -7.51 -13.95
N PRO E 31 -16.07 -8.07 -15.00
CA PRO E 31 -16.16 -7.32 -16.25
C PRO E 31 -16.66 -5.89 -16.04
N GLY E 32 -15.97 -4.92 -16.64
CA GLY E 32 -16.32 -3.51 -16.52
C GLY E 32 -15.65 -2.77 -15.37
N ALA E 33 -15.05 -3.52 -14.44
CA ALA E 33 -14.30 -2.92 -13.34
C ALA E 33 -12.91 -2.51 -13.83
N PRO E 34 -12.21 -1.63 -13.08
CA PRO E 34 -10.86 -1.21 -13.44
C PRO E 34 -9.92 -2.38 -13.74
N ARG E 35 -9.24 -2.30 -14.89
CA ARG E 35 -8.25 -3.29 -15.26
C ARG E 35 -6.96 -3.11 -14.47
N GLN E 36 -6.36 -4.23 -14.07
CA GLN E 36 -5.03 -4.26 -13.49
C GLN E 36 -4.26 -5.36 -14.18
N VAL E 37 -2.95 -5.44 -13.93
CA VAL E 37 -2.11 -6.47 -14.53
C VAL E 37 -1.40 -7.28 -13.45
N ALA E 38 -1.46 -8.60 -13.58
CA ALA E 38 -0.87 -9.51 -12.60
C ALA E 38 0.11 -10.47 -13.28
N VAL E 39 1.19 -10.81 -12.59
CA VAL E 39 2.04 -11.92 -13.05
C VAL E 39 1.35 -13.24 -12.72
N ASP E 40 1.28 -14.11 -13.71
CA ASP E 40 0.64 -15.41 -13.58
C ASP E 40 1.71 -16.40 -13.12
N ALA E 41 1.63 -16.81 -11.86
CA ALA E 41 2.53 -17.82 -11.29
C ALA E 41 1.92 -19.23 -11.23
N ILE E 42 0.72 -19.40 -11.79
CA ILE E 42 0.00 -20.68 -11.73
C ILE E 42 -0.14 -21.32 -13.11
N GLY E 43 -0.62 -20.52 -14.08
CA GLY E 43 -0.89 -21.00 -15.43
C GLY E 43 -2.38 -20.92 -15.68
N CYS E 44 -2.83 -19.75 -16.11
CA CYS E 44 -4.25 -19.44 -16.28
C CYS E 44 -4.58 -19.05 -17.72
N ILE E 45 -5.87 -19.07 -18.01
CA ILE E 45 -6.39 -18.69 -19.33
C ILE E 45 -7.54 -17.71 -19.13
N PRO E 46 -7.88 -16.92 -20.16
CA PRO E 46 -9.03 -16.01 -20.10
C PRO E 46 -10.32 -16.65 -19.57
N GLY E 47 -10.99 -15.95 -18.66
CA GLY E 47 -12.20 -16.46 -18.02
C GLY E 47 -11.97 -17.06 -16.65
N ASP E 48 -10.74 -17.45 -16.35
CA ASP E 48 -10.39 -18.03 -15.06
C ASP E 48 -10.61 -17.02 -13.94
N TRP E 49 -11.19 -17.48 -12.84
CA TRP E 49 -11.25 -16.70 -11.62
C TRP E 49 -10.03 -17.06 -10.78
N VAL E 50 -9.33 -16.04 -10.30
CA VAL E 50 -8.01 -16.22 -9.73
C VAL E 50 -7.83 -15.49 -8.40
N LEU E 51 -7.03 -16.08 -7.52
CA LEU E 51 -6.63 -15.46 -6.25
C LEU E 51 -5.35 -14.66 -6.49
N CYS E 52 -5.41 -13.38 -6.17
CA CYS E 52 -4.30 -12.45 -6.41
C CYS E 52 -3.80 -11.88 -5.10
N VAL E 53 -2.47 -11.72 -5.00
CA VAL E 53 -1.86 -11.10 -3.83
C VAL E 53 -1.01 -9.92 -4.29
N GLY E 54 -1.07 -8.83 -3.52
CA GLY E 54 -0.29 -7.64 -3.79
C GLY E 54 0.77 -7.42 -2.74
N SER E 55 1.25 -6.17 -2.65
CA SER E 55 2.24 -5.76 -1.64
C SER E 55 3.59 -6.47 -1.85
N SER E 56 4.36 -6.64 -0.77
CA SER E 56 5.64 -7.33 -0.82
C SER E 56 5.50 -8.79 -1.22
N ALA E 57 4.41 -9.41 -0.78
CA ALA E 57 4.17 -10.84 -0.99
C ALA E 57 4.06 -11.23 -2.47
N ALA E 58 3.61 -10.28 -3.30
CA ALA E 58 3.49 -10.51 -4.75
C ALA E 58 4.82 -10.80 -5.44
N ARG E 59 5.91 -10.35 -4.85
CA ARG E 59 7.24 -10.50 -5.44
C ARG E 59 7.71 -11.94 -5.32
N GLU E 60 7.84 -12.42 -4.08
CA GLU E 60 8.25 -13.79 -3.82
C GLU E 60 7.22 -14.80 -4.35
N ALA E 61 5.94 -14.43 -4.34
CA ALA E 61 4.90 -15.23 -5.00
C ALA E 61 5.21 -15.42 -6.49
N ALA E 62 5.76 -14.38 -7.12
CA ALA E 62 6.15 -14.42 -8.54
C ALA E 62 7.44 -15.22 -8.77
N GLY E 63 8.17 -15.54 -7.71
CA GLY E 63 9.34 -16.43 -7.80
C GLY E 63 10.65 -15.87 -7.26
N SER E 64 10.62 -14.65 -6.72
CA SER E 64 11.81 -14.05 -6.10
C SER E 64 11.46 -12.83 -5.27
N LYS E 65 12.17 -12.65 -4.15
CA LYS E 65 12.02 -11.44 -3.34
C LYS E 65 12.40 -10.17 -4.13
N SER E 66 13.17 -10.34 -5.20
CA SER E 66 13.57 -9.23 -6.07
C SER E 66 12.70 -9.05 -7.32
N TYR E 67 11.67 -9.87 -7.52
CA TYR E 67 10.86 -9.77 -8.74
C TYR E 67 10.00 -8.50 -8.77
N PRO E 68 9.98 -7.77 -9.90
CA PRO E 68 9.18 -6.56 -10.03
C PRO E 68 7.68 -6.82 -10.23
N SER E 69 7.01 -7.19 -9.15
CA SER E 69 5.56 -7.38 -9.17
C SER E 69 4.92 -6.82 -7.91
N ASP E 70 3.77 -6.15 -8.08
CA ASP E 70 2.91 -5.80 -6.94
C ASP E 70 1.53 -6.47 -7.03
N LEU E 71 1.39 -7.45 -7.93
CA LEU E 71 0.16 -8.22 -8.08
C LEU E 71 0.46 -9.54 -8.78
N THR E 72 0.23 -10.64 -8.06
CA THR E 72 0.56 -11.97 -8.55
C THR E 72 -0.57 -12.95 -8.31
N ILE E 73 -0.92 -13.70 -9.35
CA ILE E 73 -1.89 -14.77 -9.26
C ILE E 73 -1.23 -15.95 -8.55
N ILE E 74 -1.82 -16.37 -7.43
CA ILE E 74 -1.30 -17.49 -6.64
C ILE E 74 -2.27 -18.68 -6.57
N GLY E 75 -3.41 -18.58 -7.25
CA GLY E 75 -4.38 -19.68 -7.27
C GLY E 75 -5.53 -19.47 -8.24
N ILE E 76 -6.08 -20.58 -8.74
CA ILE E 76 -7.29 -20.53 -9.56
C ILE E 76 -8.47 -20.92 -8.67
N ILE E 77 -9.60 -20.26 -8.88
CA ILE E 77 -10.82 -20.52 -8.11
C ILE E 77 -11.89 -21.10 -9.02
N ASP E 78 -12.51 -22.20 -8.58
CA ASP E 78 -13.54 -22.87 -9.37
C ASP E 78 -14.90 -22.18 -9.28
N GLN E 79 -15.40 -21.98 -8.06
CA GLN E 79 -16.82 -21.72 -7.81
C GLN E 79 -17.39 -20.36 -8.26
N TRP E 80 -16.53 -19.38 -8.50
CA TRP E 80 -17.00 -18.07 -8.99
C TRP E 80 -17.52 -18.17 -10.43
#